data_2NO5
#
_entry.id   2NO5
#
_cell.length_a   103.743
_cell.length_b   103.743
_cell.length_c   134.794
_cell.angle_alpha   90.000
_cell.angle_beta   90.000
_cell.angle_gamma   120.000
#
_symmetry.space_group_name_H-M   'P 31 2 1'
#
loop_
_entity.id
_entity.type
_entity.pdbx_description
1 polymer '(S)-2-haloacid dehalogenase IVA'
2 non-polymer 'CHLORIDE ION'
3 non-polymer 'SULFATE ION'
4 non-polymer '(2S)-2-CHLOROPROPANOIC ACID'
5 water water
#
_entity_poly.entity_id   1
_entity_poly.type   'polypeptide(L)'
_entity_poly.pdbx_seq_one_letter_code
;MDYKDDDDKLVDSLRACVF(ASL)AYGTLLDVHSAVMRNADEVGASAEALSMLWRQRQLEYSWTRTLMHQYADFWQLTDE
ALTFALRTYHLEDRKGLKDRLMSAYKELSAYPDAAETLEKLKSAGYIVAILSNGNDEMLQAALKASKLDRVLDSCLSADD
LKIYKPDPRIYQFACDRLGVNPNEVCFVSSNAWDLGGAGKFGFNTVRINRQGNPPEYEFAPLKHQVNSLSELWPLLAKNV
TKAA
;
_entity_poly.pdbx_strand_id   A,B
#
# COMPACT_ATOMS: atom_id res chain seq x y z
N LEU A 10 -25.07 15.10 10.40
CA LEU A 10 -24.80 16.57 10.47
C LEU A 10 -24.81 17.17 9.05
N VAL A 11 -25.13 18.46 8.94
CA VAL A 11 -25.01 19.18 7.66
C VAL A 11 -24.28 20.57 7.76
N ASP A 12 -24.62 21.44 8.71
CA ASP A 12 -24.04 22.82 8.73
C ASP A 12 -23.73 23.49 10.10
N SER A 13 -23.10 22.74 11.00
CA SER A 13 -22.40 23.33 12.17
C SER A 13 -20.89 23.07 11.97
N LEU A 14 -20.48 23.04 10.70
CA LEU A 14 -19.08 22.81 10.30
C LEU A 14 -18.33 24.11 10.33
N ARG A 15 -17.08 24.05 10.77
CA ARG A 15 -16.25 25.24 10.89
C ARG A 15 -15.01 25.19 9.98
N ALA A 16 -14.70 24.00 9.47
CA ALA A 16 -13.46 23.78 8.75
C ALA A 16 -13.62 22.80 7.61
N CYS A 17 -12.98 23.12 6.49
CA CYS A 17 -12.79 22.19 5.39
C CYS A 17 -11.31 21.86 5.32
N VAL A 18 -11.01 20.58 5.48
CA VAL A 18 -9.66 20.16 5.37
C VAL A 18 -9.50 19.35 4.10
N PHE A 19 -8.53 19.78 3.28
CA PHE A 19 -8.20 19.13 2.00
C PHE A 19 -6.90 18.35 2.05
N ALA A 21 -3.86 17.29 -0.30
CA ALA A 21 -3.20 17.97 -1.42
C ALA A 21 -2.98 17.07 -2.65
N TYR A 22 -2.01 16.18 -2.58
CA TYR A 22 -1.64 15.35 -3.70
C TYR A 22 -2.70 14.41 -4.15
N GLY A 23 -3.37 14.76 -5.23
CA GLY A 23 -4.43 13.91 -5.72
C GLY A 23 -5.78 14.54 -5.51
N THR A 24 -5.88 15.54 -4.64
CA THR A 24 -7.17 16.16 -4.43
C THR A 24 -7.26 17.60 -4.97
N LEU A 25 -6.39 18.47 -4.49
CA LEU A 25 -6.23 19.82 -5.03
C LEU A 25 -5.10 19.90 -6.02
N LEU A 26 -4.15 18.97 -5.95
CA LEU A 26 -2.98 19.03 -6.83
C LEU A 26 -3.06 17.82 -7.73
N ASP A 27 -2.79 17.99 -9.02
CA ASP A 27 -2.98 16.87 -9.98
C ASP A 27 -1.71 16.02 -10.27
N VAL A 28 -1.65 14.80 -9.74
CA VAL A 28 -0.40 14.04 -9.86
C VAL A 28 -0.21 13.41 -11.24
N HIS A 29 -1.31 13.15 -11.95
CA HIS A 29 -1.20 12.72 -13.35
C HIS A 29 -0.35 13.69 -14.14
N SER A 30 -0.49 14.98 -13.87
CA SER A 30 0.18 15.94 -14.74
C SER A 30 1.69 15.73 -14.76
N ALA A 31 2.24 15.07 -13.76
CA ALA A 31 3.70 15.02 -13.69
C ALA A 31 4.24 14.19 -14.85
N VAL A 32 3.59 13.05 -15.04
CA VAL A 32 4.02 12.19 -16.12
C VAL A 32 3.35 12.71 -17.37
N MET A 33 2.12 13.20 -17.27
CA MET A 33 1.37 13.46 -18.48
C MET A 33 2.06 14.52 -19.29
N ARG A 34 2.66 15.45 -18.58
CA ARG A 34 3.36 16.57 -19.21
C ARG A 34 4.73 16.15 -19.75
N ASN A 35 5.13 14.91 -19.50
CA ASN A 35 6.40 14.41 -20.00
C ASN A 35 6.19 13.09 -20.72
N ALA A 36 4.94 12.73 -20.95
CA ALA A 36 4.60 11.48 -21.62
C ALA A 36 5.46 11.17 -22.87
N ASP A 37 5.54 12.14 -23.78
CA ASP A 37 6.39 12.02 -24.95
C ASP A 37 7.84 11.69 -24.62
N GLU A 38 8.46 12.32 -23.64
CA GLU A 38 9.82 11.90 -23.34
C GLU A 38 9.90 10.49 -22.75
N VAL A 39 8.88 10.11 -22.01
CA VAL A 39 8.85 8.80 -21.31
C VAL A 39 8.55 7.62 -22.25
N GLY A 40 7.59 7.80 -23.17
CA GLY A 40 7.28 6.74 -24.13
C GLY A 40 6.02 6.03 -23.73
N ALA A 41 5.73 4.90 -24.35
CA ALA A 41 4.41 4.28 -24.32
C ALA A 41 4.07 3.65 -22.96
N SER A 42 5.07 3.53 -22.10
CA SER A 42 4.77 3.06 -20.76
C SER A 42 4.43 4.15 -19.76
N ALA A 43 4.37 5.39 -20.20
CA ALA A 43 3.97 6.53 -19.38
C ALA A 43 2.86 6.23 -18.37
N GLU A 44 1.73 5.75 -18.84
CA GLU A 44 0.58 5.63 -17.99
C GLU A 44 0.80 4.47 -17.01
N ALA A 45 1.43 3.38 -17.44
CA ALA A 45 1.90 2.33 -16.47
C ALA A 45 2.81 2.95 -15.42
N LEU A 46 3.86 3.64 -15.92
CA LEU A 46 4.91 4.17 -15.06
C LEU A 46 4.29 5.12 -14.07
N SER A 47 3.30 5.88 -14.53
CA SER A 47 2.61 6.81 -13.63
C SER A 47 1.86 6.08 -12.50
N MET A 48 1.16 5.00 -12.80
CA MET A 48 0.45 4.29 -11.76
C MET A 48 1.47 3.68 -10.84
N LEU A 49 2.53 3.07 -11.38
CA LEU A 49 3.43 2.38 -10.50
C LEU A 49 4.05 3.37 -9.48
N TRP A 50 4.33 4.58 -9.94
CA TRP A 50 4.89 5.63 -9.10
C TRP A 50 3.94 6.08 -7.98
N ARG A 51 2.68 6.31 -8.32
CA ARG A 51 1.66 6.54 -7.31
C ARG A 51 1.57 5.33 -6.34
N GLN A 52 1.49 4.11 -6.81
CA GLN A 52 1.23 3.03 -5.88
C GLN A 52 2.39 2.79 -4.93
N ARG A 53 3.59 3.11 -5.38
CA ARG A 53 4.81 2.84 -4.58
C ARG A 53 5.12 3.96 -3.60
N GLN A 54 4.74 5.19 -4.00
CA GLN A 54 4.91 6.34 -3.14
C GLN A 54 4.16 6.04 -1.86
N LEU A 55 2.85 5.78 -2.03
CA LEU A 55 1.95 5.44 -0.95
C LEU A 55 2.33 4.17 -0.17
N GLU A 56 2.78 3.13 -0.87
CA GLU A 56 3.17 1.90 -0.22
C GLU A 56 4.26 2.23 0.76
N TYR A 57 5.28 2.96 0.29
CA TYR A 57 6.35 3.31 1.19
C TYR A 57 5.84 4.12 2.38
N SER A 58 4.80 4.95 2.21
CA SER A 58 4.44 5.81 3.32
C SER A 58 3.82 4.92 4.39
N TRP A 59 2.97 3.98 3.95
CA TRP A 59 2.24 3.14 4.86
C TRP A 59 3.13 2.09 5.54
N THR A 60 3.91 1.38 4.75
CA THR A 60 4.73 0.35 5.32
C THR A 60 5.83 0.96 6.18
N ARG A 61 6.42 2.10 5.80
CA ARG A 61 7.45 2.69 6.70
C ARG A 61 6.84 3.14 8.03
N THR A 62 5.64 3.65 7.98
CA THR A 62 5.07 4.13 9.19
C THR A 62 4.70 2.90 10.10
N LEU A 63 4.12 1.86 9.54
CA LEU A 63 4.00 0.56 10.20
C LEU A 63 5.26 -0.08 10.85
N MET A 64 6.46 0.08 10.25
CA MET A 64 7.66 -0.56 10.77
C MET A 64 8.51 0.45 11.53
N HIS A 65 7.96 1.63 11.74
CA HIS A 65 8.68 2.65 12.52
C HIS A 65 9.99 3.13 11.84
N GLN A 66 9.95 3.35 10.54
CA GLN A 66 11.09 3.85 9.81
C GLN A 66 10.71 5.05 8.93
N TYR A 67 10.28 6.14 9.53
CA TYR A 67 9.85 7.30 8.78
C TYR A 67 10.95 7.87 7.88
N ALA A 68 10.63 8.22 6.66
CA ALA A 68 11.43 9.20 5.89
C ALA A 68 10.41 10.11 5.25
N ASP A 69 10.81 11.32 4.89
CA ASP A 69 9.79 12.28 4.46
C ASP A 69 9.23 12.04 3.03
N PHE A 70 8.21 12.79 2.62
CA PHE A 70 7.48 12.44 1.43
C PHE A 70 8.30 12.66 0.18
N TRP A 71 9.10 13.73 0.16
CA TRP A 71 10.00 13.92 -0.97
C TRP A 71 10.88 12.71 -1.19
N GLN A 72 11.56 12.23 -0.15
CA GLN A 72 12.35 11.00 -0.30
C GLN A 72 11.57 9.81 -0.83
N LEU A 73 10.38 9.60 -0.31
CA LEU A 73 9.61 8.45 -0.77
C LEU A 73 9.23 8.62 -2.24
N THR A 74 8.88 9.85 -2.61
CA THR A 74 8.56 10.21 -3.98
C THR A 74 9.73 9.83 -4.87
N ASP A 75 10.94 10.15 -4.40
CA ASP A 75 12.16 9.90 -5.13
C ASP A 75 12.44 8.42 -5.27
N GLU A 76 12.22 7.69 -4.18
CA GLU A 76 12.51 6.30 -4.22
C GLU A 76 11.54 5.62 -5.12
N ALA A 77 10.28 6.03 -5.05
CA ALA A 77 9.28 5.33 -5.82
C ALA A 77 9.52 5.63 -7.31
N LEU A 78 9.90 6.86 -7.62
CA LEU A 78 10.15 7.16 -9.03
C LEU A 78 11.32 6.33 -9.57
N THR A 79 12.38 6.28 -8.80
CA THR A 79 13.54 5.45 -9.19
C THR A 79 13.08 4.02 -9.41
N PHE A 80 12.39 3.46 -8.43
CA PHE A 80 11.92 2.08 -8.58
C PHE A 80 11.08 1.90 -9.84
N ALA A 81 10.08 2.76 -10.05
CA ALA A 81 9.26 2.74 -11.30
C ALA A 81 10.08 2.77 -12.60
N LEU A 82 10.96 3.78 -12.74
CA LEU A 82 11.78 3.91 -13.96
C LEU A 82 12.63 2.67 -14.19
N ARG A 83 13.26 2.17 -13.14
CA ARG A 83 14.02 0.92 -13.29
C ARG A 83 13.13 -0.21 -13.75
N THR A 84 12.03 -0.41 -13.07
CA THR A 84 11.09 -1.49 -13.42
C THR A 84 10.75 -1.53 -14.91
N TYR A 85 10.55 -0.34 -15.51
CA TYR A 85 10.28 -0.24 -16.94
C TYR A 85 11.53 -0.19 -17.80
N HIS A 86 12.69 -0.47 -17.19
CA HIS A 86 14.00 -0.51 -17.91
C HIS A 86 14.14 0.66 -18.82
N LEU A 87 13.66 1.83 -18.41
CA LEU A 87 13.65 2.98 -19.29
C LEU A 87 15.03 3.52 -19.53
N GLU A 88 15.18 4.28 -20.62
CA GLU A 88 16.46 4.89 -20.96
C GLU A 88 16.52 6.38 -20.64
N ASP A 89 17.72 6.82 -20.26
CA ASP A 89 17.97 8.23 -19.85
C ASP A 89 17.25 8.44 -18.53
N ARG A 90 17.44 7.51 -17.60
CA ARG A 90 16.77 7.58 -16.28
C ARG A 90 17.14 8.86 -15.51
N LYS A 91 18.42 9.21 -15.59
CA LYS A 91 18.96 10.36 -14.92
C LYS A 91 18.14 11.57 -15.36
N GLY A 92 18.02 11.81 -16.65
CA GLY A 92 17.33 13.02 -17.15
C GLY A 92 15.84 12.87 -16.95
N LEU A 93 15.41 11.64 -16.99
CA LEU A 93 14.03 11.37 -16.84
C LEU A 93 13.60 11.60 -15.38
N LYS A 94 14.52 11.32 -14.46
CA LYS A 94 14.29 11.53 -13.05
C LYS A 94 14.23 13.01 -12.68
N ASP A 95 15.14 13.85 -13.22
CA ASP A 95 15.09 15.29 -12.97
C ASP A 95 13.81 15.85 -13.54
N ARG A 96 13.47 15.53 -14.80
CA ARG A 96 12.23 16.11 -15.39
C ARG A 96 11.02 15.78 -14.50
N LEU A 97 10.86 14.51 -14.18
CA LEU A 97 9.71 14.06 -13.42
C LEU A 97 9.70 14.55 -11.97
N MET A 98 10.85 14.60 -11.31
CA MET A 98 10.89 15.20 -9.97
C MET A 98 10.46 16.66 -10.01
N SER A 99 11.13 17.48 -10.83
CA SER A 99 10.69 18.89 -11.02
C SER A 99 9.21 18.95 -11.35
N ALA A 100 8.72 18.12 -12.23
CA ALA A 100 7.28 18.18 -12.53
C ALA A 100 6.48 17.99 -11.25
N TYR A 101 6.94 17.09 -10.36
CA TYR A 101 6.21 16.83 -9.09
C TYR A 101 6.37 17.98 -8.11
N LYS A 102 7.57 18.59 -8.10
CA LYS A 102 7.86 19.71 -7.19
C LYS A 102 6.89 20.83 -7.41
N GLU A 103 6.51 21.03 -8.69
CA GLU A 103 5.57 22.08 -9.08
C GLU A 103 4.37 21.56 -9.86
N LEU A 104 3.67 20.61 -9.24
CA LEU A 104 2.44 20.03 -9.76
C LEU A 104 1.40 21.07 -10.00
N SER A 105 0.68 21.03 -11.11
CA SER A 105 -0.39 22.01 -11.32
C SER A 105 -1.73 21.59 -10.69
N ALA A 106 -2.42 22.58 -10.14
CA ALA A 106 -3.75 22.44 -9.51
C ALA A 106 -4.79 21.87 -10.43
N TYR A 107 -5.87 21.37 -9.86
CA TYR A 107 -7.03 21.04 -10.69
C TYR A 107 -7.64 22.35 -11.19
N PRO A 108 -8.36 22.29 -12.31
CA PRO A 108 -8.75 23.57 -12.91
C PRO A 108 -9.45 24.51 -11.91
N ASP A 109 -10.17 23.91 -10.96
CA ASP A 109 -11.12 24.62 -10.13
C ASP A 109 -10.64 24.78 -8.72
N ALA A 110 -9.41 24.39 -8.42
CA ALA A 110 -9.00 24.31 -7.00
C ALA A 110 -9.06 25.69 -6.35
N ALA A 111 -8.34 26.64 -6.97
CA ALA A 111 -8.22 28.04 -6.55
C ALA A 111 -9.53 28.71 -6.18
N GLU A 112 -10.48 28.70 -7.12
CA GLU A 112 -11.76 29.37 -6.99
C GLU A 112 -12.53 28.79 -5.84
N THR A 113 -12.64 27.47 -5.82
CA THR A 113 -13.50 26.83 -4.84
C THR A 113 -12.93 26.95 -3.42
N LEU A 114 -11.60 27.00 -3.30
CA LEU A 114 -10.98 27.29 -2.03
C LEU A 114 -11.25 28.73 -1.57
N GLU A 115 -11.07 29.65 -2.51
CA GLU A 115 -11.25 31.07 -2.28
C GLU A 115 -12.72 31.40 -2.01
N LYS A 116 -13.64 30.62 -2.60
CA LYS A 116 -15.03 30.81 -2.27
C LYS A 116 -15.35 30.30 -0.89
N LEU A 117 -14.78 29.15 -0.54
CA LEU A 117 -14.98 28.55 0.78
C LEU A 117 -14.41 29.42 1.90
N LYS A 118 -13.18 29.93 1.70
CA LYS A 118 -12.56 30.77 2.70
C LYS A 118 -13.46 31.97 3.01
N SER A 119 -13.79 32.72 1.95
CA SER A 119 -14.57 33.93 2.10
C SER A 119 -16.07 33.71 2.45
N ALA A 120 -16.58 32.49 2.36
CA ALA A 120 -17.84 32.15 3.04
C ALA A 120 -17.66 32.01 4.58
N GLY A 121 -16.49 32.41 5.09
CA GLY A 121 -16.14 32.27 6.50
C GLY A 121 -15.55 30.95 7.00
N TYR A 122 -15.25 29.97 6.15
CA TYR A 122 -14.74 28.68 6.65
C TYR A 122 -13.25 28.71 6.92
N ILE A 123 -12.78 28.02 7.96
CA ILE A 123 -11.35 27.76 8.06
C ILE A 123 -11.00 26.73 6.99
N VAL A 124 -9.95 27.01 6.25
CA VAL A 124 -9.68 26.35 4.98
C VAL A 124 -8.23 25.92 5.04
N ALA A 125 -8.02 24.60 5.09
CA ALA A 125 -6.70 24.03 5.36
C ALA A 125 -6.33 22.83 4.47
N ILE A 126 -5.04 22.64 4.24
CA ILE A 126 -4.56 21.38 3.67
C ILE A 126 -4.06 20.51 4.81
N LEU A 127 -4.33 19.22 4.76
CA LEU A 127 -3.61 18.30 5.61
C LEU A 127 -3.04 17.29 4.66
N SER A 128 -1.71 17.28 4.54
CA SER A 128 -1.03 16.43 3.55
C SER A 128 0.05 15.50 4.15
N ASN A 129 0.37 14.43 3.41
CA ASN A 129 1.67 13.74 3.59
C ASN A 129 2.90 14.54 3.19
N GLY A 130 2.73 15.56 2.35
CA GLY A 130 3.89 16.22 1.75
C GLY A 130 4.67 16.91 2.87
N ASN A 131 5.99 16.93 2.78
CA ASN A 131 6.77 17.75 3.68
C ASN A 131 6.76 19.23 3.22
N ASP A 132 7.28 20.17 4.04
CA ASP A 132 7.05 21.59 3.76
C ASP A 132 7.64 22.02 2.43
N GLU A 133 8.88 21.67 2.19
CA GLU A 133 9.51 22.18 1.03
C GLU A 133 8.73 21.77 -0.19
N MET A 134 8.27 20.53 -0.26
CA MET A 134 7.60 20.11 -1.50
C MET A 134 6.25 20.71 -1.56
N LEU A 135 5.61 20.81 -0.41
CA LEU A 135 4.27 21.31 -0.36
C LEU A 135 4.25 22.78 -0.64
N GLN A 136 5.19 23.52 -0.07
CA GLN A 136 5.21 24.96 -0.29
C GLN A 136 5.54 25.26 -1.75
N ALA A 137 6.50 24.55 -2.31
CA ALA A 137 6.84 24.79 -3.70
C ALA A 137 5.62 24.50 -4.57
N ALA A 138 4.87 23.46 -4.23
CA ALA A 138 3.74 23.15 -5.06
C ALA A 138 2.62 24.16 -4.85
N LEU A 139 2.54 24.75 -3.66
CA LEU A 139 1.41 25.65 -3.44
C LEU A 139 1.72 27.05 -4.00
N LYS A 140 2.98 27.46 -3.89
CA LYS A 140 3.47 28.68 -4.52
C LYS A 140 3.24 28.63 -6.02
N ALA A 141 3.75 27.59 -6.67
CA ALA A 141 3.69 27.51 -8.10
C ALA A 141 2.26 27.49 -8.58
N SER A 142 1.36 26.83 -7.88
CA SER A 142 0.02 26.77 -8.43
C SER A 142 -0.88 27.86 -7.90
N LYS A 143 -0.32 28.78 -7.10
CA LYS A 143 -1.02 29.96 -6.60
C LYS A 143 -2.08 29.60 -5.57
N LEU A 144 -2.01 28.38 -5.03
CA LEU A 144 -2.96 27.92 -4.01
C LEU A 144 -2.56 28.40 -2.63
N ASP A 145 -1.37 28.97 -2.54
CA ASP A 145 -0.80 29.40 -1.29
C ASP A 145 -1.70 30.38 -0.57
N ARG A 146 -2.09 31.43 -1.31
CA ARG A 146 -2.74 32.58 -0.71
C ARG A 146 -4.24 32.42 -0.52
N VAL A 147 -4.77 31.22 -0.66
CA VAL A 147 -6.18 31.05 -0.41
C VAL A 147 -6.46 29.99 0.67
N LEU A 148 -5.47 29.84 1.56
CA LEU A 148 -5.46 28.83 2.63
C LEU A 148 -5.19 29.42 4.00
N ASP A 149 -5.98 29.09 5.00
CA ASP A 149 -5.62 29.52 6.36
C ASP A 149 -4.45 28.73 6.94
N SER A 150 -4.36 27.46 6.59
CA SER A 150 -3.30 26.60 7.09
C SER A 150 -2.86 25.43 6.18
N CYS A 151 -1.60 25.11 6.29
CA CYS A 151 -1.07 24.01 5.56
C CYS A 151 -0.39 23.12 6.62
N LEU A 152 -0.89 21.89 6.80
CA LEU A 152 -0.43 21.00 7.87
C LEU A 152 0.19 19.74 7.31
N SER A 153 1.39 19.44 7.76
CA SER A 153 2.21 18.44 7.10
C SER A 153 2.52 17.28 8.00
N ALA A 154 2.40 16.08 7.46
CA ALA A 154 2.65 14.88 8.21
C ALA A 154 4.09 14.82 8.73
N ASP A 155 4.96 15.65 8.19
CA ASP A 155 6.36 15.61 8.51
C ASP A 155 6.59 16.41 9.81
N ASP A 156 5.55 17.05 10.35
CA ASP A 156 5.70 17.66 11.67
C ASP A 156 5.62 16.52 12.68
N LEU A 157 4.93 15.43 12.34
CA LEU A 157 4.76 14.32 13.28
C LEU A 157 5.68 13.12 13.02
N LYS A 158 6.18 12.98 11.78
CA LYS A 158 6.90 11.78 11.36
C LYS A 158 5.99 10.54 11.49
N ILE A 159 4.76 10.68 10.99
CA ILE A 159 3.75 9.65 11.00
C ILE A 159 2.84 10.01 9.81
N TYR A 160 2.53 9.00 8.99
CA TYR A 160 1.76 9.25 7.81
C TYR A 160 0.27 8.97 7.96
N LYS A 161 -0.53 9.52 7.05
CA LYS A 161 -1.88 9.06 6.93
C LYS A 161 -1.92 7.51 6.71
N PRO A 162 -2.97 6.86 7.20
CA PRO A 162 -4.08 7.40 7.90
C PRO A 162 -4.08 7.01 9.38
N ASP A 163 -2.92 6.94 10.01
CA ASP A 163 -2.84 6.77 11.45
C ASP A 163 -3.66 7.90 12.02
N PRO A 164 -4.49 7.62 13.05
CA PRO A 164 -5.38 8.66 13.57
C PRO A 164 -4.66 9.93 14.03
N ARG A 165 -3.45 9.81 14.54
CA ARG A 165 -2.76 10.95 15.09
C ARG A 165 -2.55 12.11 14.09
N ILE A 166 -2.46 11.79 12.81
CA ILE A 166 -2.39 12.83 11.78
C ILE A 166 -3.67 13.66 11.73
N TYR A 167 -4.84 13.01 11.77
CA TYR A 167 -6.10 13.75 11.71
C TYR A 167 -6.31 14.50 13.01
N GLN A 168 -5.91 13.87 14.12
CA GLN A 168 -5.90 14.51 15.43
C GLN A 168 -5.11 15.82 15.34
N PHE A 169 -3.97 15.79 14.63
CA PHE A 169 -3.10 16.98 14.50
C PHE A 169 -3.89 18.12 13.86
N ALA A 170 -4.70 17.81 12.87
CA ALA A 170 -5.53 18.80 12.24
C ALA A 170 -6.46 19.45 13.31
N CYS A 171 -7.31 18.65 13.98
CA CYS A 171 -8.08 19.15 15.12
C CYS A 171 -7.23 20.04 16.04
N ASP A 172 -6.15 19.51 16.58
CA ASP A 172 -5.41 20.27 17.50
C ASP A 172 -5.00 21.62 16.98
N ARG A 173 -4.34 21.67 15.81
CA ARG A 173 -3.82 22.93 15.26
C ARG A 173 -4.91 23.89 14.83
N LEU A 174 -6.09 23.35 14.55
CA LEU A 174 -7.17 24.17 13.98
C LEU A 174 -8.13 24.55 15.05
N GLY A 175 -7.94 23.97 16.23
CA GLY A 175 -8.77 24.23 17.38
C GLY A 175 -10.23 23.97 17.06
N VAL A 176 -10.51 22.86 16.39
CA VAL A 176 -11.91 22.48 16.19
C VAL A 176 -12.09 21.06 16.64
N ASN A 177 -13.32 20.57 16.69
CA ASN A 177 -13.57 19.16 17.01
C ASN A 177 -13.75 18.39 15.73
N PRO A 178 -13.56 17.05 15.77
CA PRO A 178 -13.80 16.22 14.60
C PRO A 178 -15.09 16.52 13.80
N ASN A 179 -16.23 16.64 14.46
CA ASN A 179 -17.49 16.80 13.73
C ASN A 179 -17.69 18.20 13.14
N GLU A 180 -16.73 19.08 13.37
CA GLU A 180 -16.79 20.44 12.85
C GLU A 180 -15.95 20.56 11.56
N VAL A 181 -15.30 19.47 11.18
CA VAL A 181 -14.41 19.43 10.03
C VAL A 181 -15.06 18.70 8.87
N CYS A 182 -14.98 19.31 7.69
CA CYS A 182 -15.31 18.68 6.43
C CYS A 182 -14.00 18.32 5.74
N PHE A 183 -13.80 17.03 5.53
CA PHE A 183 -12.56 16.50 5.00
C PHE A 183 -12.80 16.04 3.58
N VAL A 184 -12.15 16.76 2.66
CA VAL A 184 -12.26 16.58 1.21
C VAL A 184 -11.02 15.89 0.66
N SER A 185 -11.25 14.79 -0.04
CA SER A 185 -10.17 14.09 -0.69
C SER A 185 -10.69 13.18 -1.81
N SER A 186 -9.77 12.74 -2.68
CA SER A 186 -10.06 11.79 -3.77
C SER A 186 -9.59 10.38 -3.48
N ASN A 187 -8.91 10.18 -2.36
CA ASN A 187 -8.43 8.86 -2.02
C ASN A 187 -9.35 8.19 -1.02
N ALA A 188 -9.83 7.02 -1.38
CA ALA A 188 -10.75 6.28 -0.52
C ALA A 188 -10.10 6.01 0.83
N TRP A 189 -8.90 5.46 0.81
CA TRP A 189 -8.18 5.21 2.05
C TRP A 189 -8.00 6.47 2.91
N ASP A 190 -7.87 7.64 2.30
CA ASP A 190 -7.59 8.79 3.15
C ASP A 190 -8.92 9.17 3.77
N LEU A 191 -9.96 9.19 2.95
CA LEU A 191 -11.35 9.33 3.40
C LEU A 191 -11.72 8.31 4.50
N GLY A 192 -11.39 7.04 4.27
CA GLY A 192 -11.48 5.97 5.28
C GLY A 192 -10.88 6.38 6.62
N GLY A 193 -9.60 6.71 6.60
CA GLY A 193 -8.91 7.16 7.78
C GLY A 193 -9.57 8.33 8.49
N ALA A 194 -9.90 9.39 7.76
CA ALA A 194 -10.51 10.55 8.34
C ALA A 194 -11.90 10.20 8.88
N GLY A 195 -12.65 9.47 8.05
CA GLY A 195 -14.01 9.05 8.40
C GLY A 195 -13.98 8.39 9.76
N LYS A 196 -13.15 7.35 9.89
CA LYS A 196 -13.11 6.52 11.06
C LYS A 196 -12.67 7.34 12.25
N PHE A 197 -12.01 8.45 12.01
CA PHE A 197 -11.45 9.19 13.12
C PHE A 197 -12.53 10.14 13.61
N GLY A 198 -13.56 10.35 12.80
CA GLY A 198 -14.60 11.31 13.12
C GLY A 198 -14.89 12.50 12.19
N PHE A 199 -14.02 12.87 11.25
CA PHE A 199 -14.39 13.97 10.33
C PHE A 199 -15.67 13.67 9.53
N ASN A 200 -16.29 14.70 9.00
CA ASN A 200 -17.29 14.49 7.97
C ASN A 200 -16.57 14.45 6.66
N THR A 201 -16.89 13.45 5.87
CA THR A 201 -16.09 13.17 4.70
C THR A 201 -16.79 13.49 3.37
N VAL A 202 -16.08 14.16 2.47
CA VAL A 202 -16.60 14.30 1.14
C VAL A 202 -15.55 13.85 0.11
N ARG A 203 -15.96 12.91 -0.74
CA ARG A 203 -15.08 12.39 -1.75
C ARG A 203 -15.28 13.16 -3.04
N ILE A 204 -14.17 13.67 -3.58
CA ILE A 204 -14.15 14.11 -4.94
C ILE A 204 -13.82 12.94 -5.83
N ASN A 205 -14.87 12.28 -6.36
CA ASN A 205 -14.71 11.10 -7.22
C ASN A 205 -14.83 11.45 -8.70
N ARG A 206 -13.79 12.08 -9.26
CA ARG A 206 -13.81 12.52 -10.67
C ARG A 206 -14.10 11.42 -11.69
N GLN A 207 -13.48 10.27 -11.62
CA GLN A 207 -13.62 9.36 -12.73
C GLN A 207 -14.68 8.31 -12.54
N GLY A 208 -15.44 8.44 -11.47
CA GLY A 208 -16.51 7.48 -11.09
C GLY A 208 -16.02 6.11 -10.57
N ASN A 209 -14.97 6.07 -9.76
CA ASN A 209 -14.50 4.79 -9.19
C ASN A 209 -15.45 4.14 -8.20
N PRO A 210 -15.49 2.82 -8.21
CA PRO A 210 -16.33 2.02 -7.33
C PRO A 210 -15.98 2.23 -5.85
N PRO A 211 -16.91 1.91 -4.93
CA PRO A 211 -16.61 2.27 -3.52
C PRO A 211 -15.60 1.33 -2.82
N GLU A 212 -15.19 1.75 -1.62
CA GLU A 212 -14.13 1.15 -0.86
C GLU A 212 -14.21 1.73 0.54
N TYR A 213 -13.64 1.03 1.54
CA TYR A 213 -13.57 1.55 2.93
C TYR A 213 -14.92 1.90 3.46
N GLU A 214 -15.84 0.98 3.21
CA GLU A 214 -17.25 1.25 3.36
C GLU A 214 -17.69 1.38 4.80
N PHE A 215 -16.95 0.73 5.70
CA PHE A 215 -17.17 0.88 7.12
C PHE A 215 -17.09 2.32 7.59
N ALA A 216 -16.56 3.22 6.76
CA ALA A 216 -16.48 4.64 7.18
C ALA A 216 -17.18 5.45 6.15
N PRO A 217 -18.55 5.41 6.14
CA PRO A 217 -19.32 5.90 4.98
C PRO A 217 -19.09 7.38 4.75
N LEU A 218 -19.35 7.85 3.54
CA LEU A 218 -19.20 9.27 3.18
C LEU A 218 -20.38 10.17 3.55
N LYS A 219 -20.13 11.40 3.94
CA LYS A 219 -21.23 12.37 3.95
C LYS A 219 -21.81 12.65 2.54
N HIS A 220 -20.95 12.77 1.55
CA HIS A 220 -21.35 13.16 0.23
C HIS A 220 -20.27 12.75 -0.74
N GLN A 221 -20.65 12.68 -2.02
CA GLN A 221 -19.71 12.49 -3.10
C GLN A 221 -20.03 13.41 -4.26
N VAL A 222 -19.01 13.99 -4.85
CA VAL A 222 -19.17 14.88 -6.01
C VAL A 222 -18.08 14.51 -7.00
N ASN A 223 -18.23 14.94 -8.24
CA ASN A 223 -17.35 14.47 -9.26
C ASN A 223 -16.37 15.58 -9.64
N SER A 224 -16.38 16.63 -8.83
CA SER A 224 -15.61 17.81 -9.15
C SER A 224 -15.45 18.71 -7.92
N LEU A 225 -14.35 19.44 -7.84
CA LEU A 225 -14.18 20.37 -6.74
C LEU A 225 -15.18 21.48 -6.81
N SER A 226 -15.57 21.86 -8.02
CA SER A 226 -16.56 22.94 -8.13
C SER A 226 -17.94 22.52 -7.59
N GLU A 227 -18.27 21.24 -7.65
CA GLU A 227 -19.53 20.80 -7.01
C GLU A 227 -19.50 20.90 -5.48
N LEU A 228 -18.34 21.23 -4.93
CA LEU A 228 -18.25 21.41 -3.50
C LEU A 228 -18.92 22.69 -3.04
N TRP A 229 -19.06 23.64 -3.95
CA TRP A 229 -19.55 24.97 -3.59
C TRP A 229 -21.07 24.98 -3.38
N PRO A 230 -21.85 24.58 -4.41
CA PRO A 230 -23.29 24.42 -4.12
C PRO A 230 -23.50 23.76 -2.77
N LEU A 231 -22.83 22.63 -2.55
CA LEU A 231 -22.97 21.85 -1.32
C LEU A 231 -22.58 22.53 0.00
N LEU A 232 -21.50 23.30 0.01
CA LEU A 232 -21.05 23.92 1.28
C LEU A 232 -21.41 25.39 1.55
N ALA A 233 -22.26 26.01 0.74
CA ALA A 233 -22.63 27.42 0.96
C ALA A 233 -23.29 27.68 2.33
N LYS A 234 -22.59 28.43 3.20
CA LYS A 234 -23.03 28.69 4.59
C LYS A 234 -23.88 29.97 4.71
N LEU B 10 25.19 -14.44 5.92
CA LEU B 10 26.36 -14.35 6.85
C LEU B 10 26.62 -15.73 7.54
N VAL B 11 27.19 -15.70 8.75
CA VAL B 11 27.48 -16.91 9.55
C VAL B 11 26.16 -17.66 9.94
N ASP B 12 26.29 -18.95 10.24
CA ASP B 12 25.18 -19.89 10.14
C ASP B 12 24.93 -20.77 11.41
N SER B 13 24.44 -20.17 12.50
CA SER B 13 23.83 -20.95 13.63
C SER B 13 22.38 -20.49 13.94
N LEU B 14 21.50 -20.87 13.02
CA LEU B 14 20.10 -20.50 13.03
C LEU B 14 19.27 -21.72 13.39
N ARG B 15 18.23 -21.53 14.18
CA ARG B 15 17.36 -22.65 14.48
C ARG B 15 16.10 -22.65 13.61
N ALA B 16 15.86 -21.56 12.88
CA ALA B 16 14.54 -21.39 12.23
C ALA B 16 14.47 -20.74 10.83
N CYS B 17 13.66 -21.34 9.97
CA CYS B 17 13.42 -20.80 8.67
C CYS B 17 11.97 -20.44 8.59
N VAL B 18 11.71 -19.15 8.55
CA VAL B 18 10.33 -18.64 8.54
C VAL B 18 9.97 -18.10 7.16
N PHE B 19 8.93 -18.69 6.56
CA PHE B 19 8.56 -18.36 5.21
C PHE B 19 7.35 -17.49 5.20
N ALA B 21 4.12 -16.83 2.98
CA ALA B 21 3.46 -17.80 2.12
C ALA B 21 3.10 -17.22 0.76
N TYR B 22 2.17 -16.28 0.76
CA TYR B 22 1.56 -15.77 -0.48
C TYR B 22 2.51 -15.00 -1.36
N GLY B 23 3.08 -15.69 -2.34
CA GLY B 23 4.00 -15.05 -3.25
C GLY B 23 5.38 -15.64 -3.07
N THR B 24 5.58 -16.39 -1.98
CA THR B 24 6.88 -17.01 -1.75
C THR B 24 6.81 -18.49 -1.97
N LEU B 25 5.90 -19.16 -1.28
CA LEU B 25 5.74 -20.60 -1.51
C LEU B 25 4.51 -20.88 -2.38
N LEU B 26 3.51 -20.01 -2.31
CA LEU B 26 2.31 -20.18 -3.12
C LEU B 26 2.25 -19.13 -4.23
N ASP B 27 1.88 -19.58 -5.42
CA ASP B 27 1.97 -18.67 -6.53
C ASP B 27 0.63 -17.88 -6.73
N VAL B 28 0.57 -16.64 -6.26
CA VAL B 28 -0.71 -15.92 -6.44
C VAL B 28 -1.05 -15.68 -7.94
N HIS B 29 -0.05 -15.51 -8.80
CA HIS B 29 -0.30 -15.19 -10.19
C HIS B 29 -1.24 -16.19 -10.81
N SER B 30 -1.15 -17.42 -10.32
CA SER B 30 -1.90 -18.55 -10.86
C SER B 30 -3.40 -18.38 -10.61
N ALA B 31 -3.76 -17.49 -9.70
CA ALA B 31 -5.18 -17.27 -9.39
C ALA B 31 -5.90 -16.79 -10.64
N VAL B 32 -5.41 -15.69 -11.19
CA VAL B 32 -5.98 -15.13 -12.39
C VAL B 32 -5.45 -15.88 -13.64
N MET B 33 -4.22 -16.40 -13.61
CA MET B 33 -3.69 -17.09 -14.77
C MET B 33 -4.54 -18.32 -15.08
N ARG B 34 -4.69 -19.21 -14.11
CA ARG B 34 -5.59 -20.37 -14.25
C ARG B 34 -7.01 -20.02 -14.83
N ASN B 35 -7.41 -18.74 -14.84
CA ASN B 35 -8.75 -18.29 -15.30
C ASN B 35 -8.72 -17.10 -16.25
N ALA B 36 -7.60 -16.93 -16.94
CA ALA B 36 -7.38 -15.76 -17.75
C ALA B 36 -8.39 -15.64 -18.91
N ASP B 37 -8.72 -16.77 -19.54
CA ASP B 37 -9.69 -16.82 -20.64
C ASP B 37 -11.09 -16.31 -20.23
N GLU B 38 -11.52 -16.70 -19.04
CA GLU B 38 -12.79 -16.25 -18.48
C GLU B 38 -12.79 -14.75 -18.24
N VAL B 39 -11.66 -14.22 -17.74
CA VAL B 39 -11.54 -12.79 -17.45
C VAL B 39 -11.49 -11.97 -18.74
N GLY B 40 -10.76 -12.43 -19.74
CA GLY B 40 -10.62 -11.64 -20.97
C GLY B 40 -9.37 -10.80 -20.94
N ALA B 41 -9.19 -9.90 -21.91
CA ALA B 41 -7.87 -9.31 -22.14
C ALA B 41 -7.34 -8.47 -20.96
N SER B 42 -8.26 -8.09 -20.09
CA SER B 42 -7.92 -7.39 -18.89
C SER B 42 -7.20 -8.14 -17.75
N ALA B 43 -6.87 -9.40 -17.97
CA ALA B 43 -6.49 -10.31 -16.90
C ALA B 43 -5.24 -9.88 -16.16
N GLU B 44 -4.22 -9.48 -16.89
CA GLU B 44 -3.02 -9.09 -16.19
C GLU B 44 -3.36 -7.90 -15.27
N ALA B 45 -3.95 -6.85 -15.84
CA ALA B 45 -4.20 -5.62 -15.14
C ALA B 45 -5.05 -5.91 -13.88
N LEU B 46 -6.02 -6.79 -14.04
CA LEU B 46 -6.91 -7.14 -12.93
C LEU B 46 -6.09 -7.81 -11.83
N SER B 47 -5.30 -8.79 -12.24
CA SER B 47 -4.46 -9.50 -11.37
C SER B 47 -3.62 -8.52 -10.54
N MET B 48 -2.99 -7.59 -11.22
CA MET B 48 -2.12 -6.63 -10.64
C MET B 48 -2.89 -5.75 -9.66
N LEU B 49 -4.06 -5.24 -10.04
CA LEU B 49 -4.83 -4.39 -9.11
C LEU B 49 -5.38 -5.15 -7.90
N TRP B 50 -5.73 -6.40 -8.09
CA TRP B 50 -6.13 -7.22 -6.98
C TRP B 50 -5.05 -7.34 -5.96
N ARG B 51 -3.87 -7.85 -6.33
CA ARG B 51 -2.68 -7.82 -5.43
C ARG B 51 -2.52 -6.43 -4.80
N GLN B 52 -2.36 -5.35 -5.55
CA GLN B 52 -2.01 -4.11 -4.88
C GLN B 52 -3.02 -3.69 -3.83
N ARG B 53 -4.27 -3.93 -4.09
CA ARG B 53 -5.33 -3.49 -3.13
C ARG B 53 -5.43 -4.35 -1.90
N GLN B 54 -5.40 -5.67 -2.08
CA GLN B 54 -5.37 -6.57 -0.95
C GLN B 54 -4.27 -6.10 0.06
N LEU B 55 -3.10 -5.74 -0.45
CA LEU B 55 -2.07 -5.18 0.44
C LEU B 55 -2.37 -3.80 0.98
N GLU B 56 -2.93 -2.92 0.14
CA GLU B 56 -3.33 -1.64 0.62
C GLU B 56 -4.26 -1.82 1.83
N TYR B 57 -5.36 -2.52 1.60
CA TYR B 57 -6.32 -2.76 2.66
C TYR B 57 -5.65 -3.33 3.93
N SER B 58 -4.73 -4.27 3.80
CA SER B 58 -3.96 -4.71 4.96
C SER B 58 -3.21 -3.59 5.70
N TRP B 59 -2.49 -2.74 4.97
CA TRP B 59 -1.66 -1.70 5.62
C TRP B 59 -2.48 -0.56 6.17
N THR B 60 -3.48 -0.12 5.43
CA THR B 60 -4.24 1.03 5.89
C THR B 60 -5.12 0.62 7.07
N ARG B 61 -5.79 -0.54 6.94
CA ARG B 61 -6.62 -1.03 8.04
C ARG B 61 -5.83 -1.16 9.35
N THR B 62 -4.55 -1.51 9.29
CA THR B 62 -3.92 -1.55 10.60
C THR B 62 -3.56 -0.17 11.11
N LEU B 63 -3.13 0.68 10.21
CA LEU B 63 -2.89 2.08 10.58
C LEU B 63 -4.13 2.79 11.07
N MET B 64 -5.28 2.54 10.45
CA MET B 64 -6.46 3.21 10.99
C MET B 64 -7.18 2.41 12.14
N HIS B 65 -6.57 1.32 12.60
CA HIS B 65 -7.13 0.51 13.70
C HIS B 65 -8.52 -0.04 13.32
N GLN B 66 -8.59 -0.72 12.19
CA GLN B 66 -9.80 -1.40 11.80
C GLN B 66 -9.43 -2.69 11.08
N TYR B 67 -8.90 -3.64 11.83
CA TYR B 67 -8.58 -4.95 11.32
C TYR B 67 -9.82 -5.67 10.81
N ALA B 68 -9.64 -6.37 9.67
CA ALA B 68 -10.47 -7.49 9.26
C ALA B 68 -9.56 -8.55 8.67
N ASP B 69 -10.05 -9.78 8.62
CA ASP B 69 -9.21 -10.89 8.27
C ASP B 69 -8.81 -10.87 6.78
N PHE B 70 -7.79 -11.64 6.46
CA PHE B 70 -7.15 -11.48 5.19
C PHE B 70 -8.04 -11.94 4.05
N TRP B 71 -8.91 -12.87 4.37
CA TRP B 71 -9.82 -13.37 3.39
C TRP B 71 -10.86 -12.31 2.95
N GLN B 72 -11.33 -11.51 3.90
CA GLN B 72 -12.33 -10.54 3.58
C GLN B 72 -11.66 -9.42 2.79
N LEU B 73 -10.43 -9.08 3.17
CA LEU B 73 -9.62 -8.15 2.39
C LEU B 73 -9.48 -8.62 0.95
N THR B 74 -9.04 -9.86 0.77
CA THR B 74 -8.95 -10.50 -0.54
C THR B 74 -10.23 -10.36 -1.33
N ASP B 75 -11.32 -10.77 -0.71
CA ASP B 75 -12.68 -10.63 -1.28
C ASP B 75 -13.04 -9.16 -1.68
N GLU B 76 -12.95 -8.23 -0.73
CA GLU B 76 -13.13 -6.80 -0.94
C GLU B 76 -12.27 -6.24 -2.06
N ALA B 77 -11.01 -6.64 -2.07
CA ALA B 77 -10.08 -6.18 -3.09
C ALA B 77 -10.42 -6.73 -4.47
N LEU B 78 -10.93 -7.96 -4.50
CA LEU B 78 -11.24 -8.57 -5.78
C LEU B 78 -12.47 -7.89 -6.36
N THR B 79 -13.45 -7.64 -5.50
CA THR B 79 -14.70 -7.01 -5.94
C THR B 79 -14.40 -5.65 -6.53
N PHE B 80 -13.53 -4.92 -5.83
CA PHE B 80 -13.13 -3.62 -6.32
C PHE B 80 -12.51 -3.72 -7.72
N ALA B 81 -11.68 -4.73 -7.92
CA ALA B 81 -10.93 -4.76 -9.13
C ALA B 81 -11.83 -5.17 -10.32
N LEU B 82 -12.76 -6.10 -10.06
CA LEU B 82 -13.75 -6.51 -11.06
C LEU B 82 -14.67 -5.32 -11.51
N ARG B 83 -15.03 -4.45 -10.58
CA ARG B 83 -15.85 -3.30 -10.91
C ARG B 83 -15.07 -2.23 -11.64
N THR B 84 -13.84 -1.99 -11.18
CA THR B 84 -12.91 -1.12 -11.85
C THR B 84 -12.83 -1.43 -13.36
N TYR B 85 -12.84 -2.73 -13.70
CA TYR B 85 -12.68 -3.18 -15.07
C TYR B 85 -14.02 -3.42 -15.75
N HIS B 86 -15.12 -3.03 -15.06
CA HIS B 86 -16.47 -3.15 -15.64
C HIS B 86 -16.64 -4.51 -16.31
N LEU B 87 -16.35 -5.60 -15.59
CA LEU B 87 -16.50 -6.96 -16.15
C LEU B 87 -17.93 -7.52 -16.13
N GLU B 88 -18.32 -8.21 -17.20
CA GLU B 88 -19.59 -8.96 -17.27
C GLU B 88 -19.45 -10.13 -16.31
N ASP B 89 -20.55 -10.52 -15.66
CA ASP B 89 -20.60 -11.74 -14.88
C ASP B 89 -19.70 -11.63 -13.67
N ARG B 90 -19.68 -10.47 -13.06
CA ARG B 90 -18.82 -10.29 -11.88
C ARG B 90 -19.09 -11.39 -10.85
N LYS B 91 -20.35 -11.79 -10.72
CA LYS B 91 -20.75 -12.82 -9.78
C LYS B 91 -19.99 -14.13 -9.99
N GLY B 92 -19.96 -14.59 -11.24
CA GLY B 92 -19.29 -15.83 -11.61
C GLY B 92 -17.79 -15.74 -11.40
N LEU B 93 -17.16 -14.73 -12.00
CA LEU B 93 -15.74 -14.51 -11.85
C LEU B 93 -15.27 -14.44 -10.38
N LYS B 94 -16.03 -13.75 -9.53
CA LYS B 94 -15.68 -13.68 -8.08
C LYS B 94 -15.64 -15.08 -7.44
N ASP B 95 -16.65 -15.88 -7.74
CA ASP B 95 -16.68 -17.26 -7.29
C ASP B 95 -15.48 -18.03 -7.81
N ARG B 96 -15.32 -18.10 -9.15
CA ARG B 96 -14.20 -18.80 -9.82
C ARG B 96 -12.86 -18.37 -9.19
N LEU B 97 -12.66 -17.06 -9.05
CA LEU B 97 -11.37 -16.49 -8.61
C LEU B 97 -11.06 -16.55 -7.11
N MET B 98 -12.03 -16.34 -6.24
CA MET B 98 -11.81 -16.65 -4.80
C MET B 98 -11.43 -18.13 -4.59
N SER B 99 -12.11 -19.02 -5.31
CA SER B 99 -11.79 -20.43 -5.24
C SER B 99 -10.40 -20.78 -5.65
N ALA B 100 -9.91 -20.09 -6.67
CA ALA B 100 -8.62 -20.35 -7.22
C ALA B 100 -7.61 -19.82 -6.22
N TYR B 101 -7.98 -18.77 -5.50
CA TYR B 101 -7.11 -18.23 -4.49
C TYR B 101 -7.01 -19.17 -3.30
N LYS B 102 -8.12 -19.82 -2.98
CA LYS B 102 -8.19 -20.63 -1.79
C LYS B 102 -7.27 -21.79 -2.04
N GLU B 103 -7.06 -22.14 -3.32
CA GLU B 103 -6.17 -23.24 -3.62
C GLU B 103 -5.05 -22.95 -4.64
N LEU B 104 -4.34 -21.85 -4.36
CA LEU B 104 -3.11 -21.49 -5.05
C LEU B 104 -2.13 -22.65 -5.14
N SER B 105 -1.46 -22.74 -6.28
CA SER B 105 -0.41 -23.73 -6.48
C SER B 105 0.92 -23.31 -5.89
N ALA B 106 1.65 -24.32 -5.44
CA ALA B 106 2.98 -24.10 -4.94
C ALA B 106 3.91 -23.82 -6.11
N TYR B 107 4.80 -22.84 -5.95
CA TYR B 107 6.01 -22.80 -6.79
C TYR B 107 6.62 -24.18 -6.86
N PRO B 108 7.17 -24.53 -8.04
CA PRO B 108 7.56 -25.91 -8.28
C PRO B 108 8.53 -26.43 -7.25
N ASP B 109 9.31 -25.55 -6.64
CA ASP B 109 10.36 -25.99 -5.73
C ASP B 109 9.99 -25.98 -4.27
N ALA B 110 8.90 -25.32 -3.95
CA ALA B 110 8.51 -25.16 -2.55
C ALA B 110 8.60 -26.45 -1.73
N ALA B 111 7.92 -27.52 -2.13
CA ALA B 111 7.84 -28.70 -1.24
C ALA B 111 9.23 -29.30 -0.98
N GLU B 112 9.93 -29.61 -2.04
CA GLU B 112 11.19 -30.29 -1.91
C GLU B 112 12.15 -29.45 -1.06
N THR B 113 12.24 -28.17 -1.35
CA THR B 113 13.20 -27.40 -0.58
C THR B 113 12.80 -27.30 0.90
N LEU B 114 11.51 -27.21 1.19
CA LEU B 114 11.09 -27.30 2.60
C LEU B 114 11.41 -28.70 3.17
N GLU B 115 11.19 -29.76 2.40
CA GLU B 115 11.50 -31.09 2.89
C GLU B 115 12.95 -31.14 3.28
N LYS B 116 13.81 -30.48 2.50
CA LYS B 116 15.26 -30.59 2.66
C LYS B 116 15.68 -29.85 3.89
N LEU B 117 15.01 -28.74 4.14
CA LEU B 117 15.29 -27.95 5.32
C LEU B 117 14.75 -28.61 6.59
N LYS B 118 13.61 -29.29 6.49
CA LYS B 118 12.96 -29.85 7.69
C LYS B 118 13.87 -30.96 8.19
N SER B 119 14.32 -31.76 7.23
CA SER B 119 15.14 -32.89 7.52
C SER B 119 16.57 -32.42 7.73
N ALA B 120 16.78 -31.12 7.91
CA ALA B 120 18.15 -30.66 8.19
C ALA B 120 18.17 -30.16 9.61
N GLY B 121 17.03 -30.31 10.29
CA GLY B 121 16.92 -29.93 11.68
C GLY B 121 16.47 -28.52 12.02
N TYR B 122 16.28 -27.67 11.00
CA TYR B 122 15.65 -26.36 11.19
C TYR B 122 14.22 -26.50 11.62
N ILE B 123 13.74 -25.59 12.45
CA ILE B 123 12.31 -25.41 12.51
C ILE B 123 11.89 -24.72 11.20
N VAL B 124 10.93 -25.29 10.49
CA VAL B 124 10.46 -24.71 9.27
C VAL B 124 9.02 -24.26 9.46
N ALA B 125 8.80 -22.94 9.39
CA ALA B 125 7.47 -22.31 9.69
C ALA B 125 6.97 -21.31 8.64
N ILE B 126 5.66 -21.15 8.55
CA ILE B 126 5.12 -20.06 7.78
C ILE B 126 4.72 -18.90 8.69
N LEU B 127 5.06 -17.67 8.29
CA LEU B 127 4.48 -16.47 8.92
C LEU B 127 3.74 -15.67 7.83
N SER B 128 2.42 -15.76 7.83
CA SER B 128 1.66 -15.15 6.79
C SER B 128 0.55 -14.22 7.32
N ASN B 129 0.15 -13.30 6.46
CA ASN B 129 -1.00 -12.46 6.65
C ASN B 129 -2.31 -13.26 6.71
N GLY B 130 -2.44 -14.34 5.94
CA GLY B 130 -3.74 -15.00 5.76
C GLY B 130 -4.26 -15.70 7.01
N ASN B 131 -5.58 -15.66 7.20
CA ASN B 131 -6.25 -16.34 8.32
C ASN B 131 -6.08 -17.84 8.17
N ASP B 132 -6.16 -18.60 9.23
CA ASP B 132 -5.75 -19.97 9.10
C ASP B 132 -6.53 -20.72 8.03
N GLU B 133 -7.81 -20.41 7.91
CA GLU B 133 -8.67 -21.06 6.94
C GLU B 133 -8.22 -21.03 5.50
N MET B 134 -8.06 -19.85 4.90
CA MET B 134 -7.53 -19.76 3.51
C MET B 134 -6.12 -20.35 3.45
N LEU B 135 -5.29 -20.06 4.47
CA LEU B 135 -3.98 -20.67 4.52
C LEU B 135 -3.98 -22.20 4.57
N GLN B 136 -4.79 -22.77 5.48
CA GLN B 136 -4.84 -24.27 5.61
C GLN B 136 -5.32 -24.95 4.34
N ALA B 137 -6.29 -24.34 3.68
CA ALA B 137 -6.84 -24.91 2.49
C ALA B 137 -5.77 -24.96 1.41
N ALA B 138 -4.91 -23.96 1.40
CA ALA B 138 -3.92 -23.84 0.32
C ALA B 138 -2.74 -24.75 0.61
N LEU B 139 -2.40 -24.90 1.88
CA LEU B 139 -1.36 -25.84 2.23
C LEU B 139 -1.89 -27.25 2.04
N LYS B 140 -3.18 -27.46 2.30
CA LYS B 140 -3.71 -28.79 2.05
C LYS B 140 -3.69 -29.10 0.58
N ALA B 141 -4.20 -28.17 -0.22
CA ALA B 141 -4.32 -28.42 -1.65
C ALA B 141 -2.98 -28.67 -2.35
N SER B 142 -1.91 -28.03 -1.90
CA SER B 142 -0.62 -28.21 -2.55
C SER B 142 0.21 -29.20 -1.78
N LYS B 143 -0.34 -29.71 -0.67
CA LYS B 143 0.30 -30.76 0.11
C LYS B 143 1.56 -30.29 0.83
N LEU B 144 1.62 -29.03 1.18
CA LEU B 144 2.74 -28.57 1.96
C LEU B 144 2.44 -28.70 3.41
N ASP B 145 1.19 -29.07 3.73
CA ASP B 145 0.78 -29.43 5.09
C ASP B 145 1.96 -30.17 5.76
N ARG B 146 2.37 -31.25 5.09
CA ARG B 146 3.27 -32.26 5.62
C ARG B 146 4.74 -31.88 5.73
N VAL B 147 5.12 -30.74 5.18
CA VAL B 147 6.51 -30.33 5.26
C VAL B 147 6.70 -29.19 6.24
N LEU B 148 5.73 -28.93 7.13
CA LEU B 148 5.85 -27.78 8.05
C LEU B 148 5.79 -28.09 9.55
N ASP B 149 6.66 -27.47 10.33
CA ASP B 149 6.54 -27.56 11.77
C ASP B 149 5.42 -26.68 12.25
N SER B 150 5.31 -25.48 11.72
CA SER B 150 4.34 -24.52 12.24
C SER B 150 3.90 -23.43 11.24
N CYS B 151 2.66 -22.98 11.38
CA CYS B 151 2.10 -22.05 10.44
C CYS B 151 1.42 -20.93 11.21
N LEU B 152 2.05 -19.76 11.24
CA LEU B 152 1.58 -18.65 12.07
C LEU B 152 0.85 -17.51 11.30
N SER B 153 -0.33 -17.11 11.82
CA SER B 153 -1.18 -16.11 11.19
C SER B 153 -1.32 -14.77 11.88
N ALA B 154 -1.22 -13.70 11.09
CA ALA B 154 -1.55 -12.35 11.56
C ALA B 154 -2.92 -12.31 12.25
N ASP B 155 -3.83 -13.16 11.78
CA ASP B 155 -5.16 -13.19 12.32
C ASP B 155 -5.16 -13.53 13.80
N ASP B 156 -4.11 -14.21 14.26
CA ASP B 156 -3.99 -14.52 15.68
C ASP B 156 -3.78 -13.24 16.46
N LEU B 157 -3.09 -12.25 15.90
CA LEU B 157 -2.96 -10.96 16.59
C LEU B 157 -3.87 -9.84 16.11
N LYS B 158 -4.57 -10.05 15.01
CA LYS B 158 -5.35 -8.96 14.41
C LYS B 158 -4.50 -7.72 14.08
N ILE B 159 -3.33 -7.97 13.51
CA ILE B 159 -2.31 -7.01 13.16
C ILE B 159 -1.63 -7.47 11.85
N TYR B 160 -1.31 -6.57 10.92
CA TYR B 160 -0.71 -6.99 9.65
C TYR B 160 0.77 -6.72 9.60
N LYS B 161 1.50 -7.50 8.80
CA LYS B 161 2.89 -7.15 8.51
C LYS B 161 2.93 -5.78 7.79
N PRO B 162 4.05 -5.06 7.88
CA PRO B 162 5.33 -5.25 8.56
C PRO B 162 5.37 -4.68 9.96
N ASP B 163 4.25 -4.78 10.67
CA ASP B 163 4.20 -4.25 12.02
C ASP B 163 5.09 -5.14 12.88
N PRO B 164 5.96 -4.53 13.68
CA PRO B 164 6.96 -5.39 14.31
C PRO B 164 6.36 -6.47 15.23
N ARG B 165 5.14 -6.26 15.73
CA ARG B 165 4.50 -7.26 16.62
C ARG B 165 4.34 -8.65 16.00
N ILE B 166 4.23 -8.71 14.69
CA ILE B 166 4.00 -10.01 14.10
C ILE B 166 5.29 -10.84 13.93
N TYR B 167 6.37 -10.16 13.58
CA TYR B 167 7.66 -10.78 13.63
C TYR B 167 7.93 -11.26 15.10
N GLN B 168 7.60 -10.41 16.08
CA GLN B 168 7.74 -10.71 17.52
C GLN B 168 6.97 -11.97 17.92
N PHE B 169 5.71 -12.03 17.51
CA PHE B 169 4.86 -13.18 17.77
C PHE B 169 5.49 -14.47 17.25
N ALA B 170 6.28 -14.39 16.16
CA ALA B 170 6.93 -15.57 15.62
C ALA B 170 8.04 -16.06 16.57
N CYS B 171 8.85 -15.14 17.09
CA CYS B 171 9.90 -15.48 18.06
C CYS B 171 9.25 -16.14 19.27
N ASP B 172 8.18 -15.51 19.74
CA ASP B 172 7.42 -16.01 20.86
C ASP B 172 6.92 -17.44 20.61
N ARG B 173 6.23 -17.64 19.51
CA ARG B 173 5.64 -18.93 19.30
C ARG B 173 6.69 -19.96 19.01
N LEU B 174 7.68 -19.59 18.22
CA LEU B 174 8.71 -20.56 17.87
C LEU B 174 9.80 -20.68 18.92
N GLY B 175 9.75 -19.83 19.95
CA GLY B 175 10.74 -19.87 21.02
C GLY B 175 12.16 -19.64 20.53
N VAL B 176 12.38 -18.61 19.71
CA VAL B 176 13.72 -18.28 19.22
C VAL B 176 13.98 -16.78 19.30
N ASN B 177 15.24 -16.38 19.20
CA ASN B 177 15.59 -14.98 19.14
C ASN B 177 15.62 -14.48 17.70
N PRO B 178 15.37 -13.17 17.49
CA PRO B 178 15.41 -12.66 16.11
C PRO B 178 16.56 -13.21 15.31
N ASN B 179 17.80 -13.06 15.77
CA ASN B 179 18.93 -13.52 14.95
C ASN B 179 19.09 -15.01 14.75
N GLU B 180 18.26 -15.82 15.38
CA GLU B 180 18.30 -17.25 15.06
C GLU B 180 17.27 -17.60 13.97
N VAL B 181 16.67 -16.55 13.38
CA VAL B 181 15.70 -16.74 12.29
C VAL B 181 16.24 -16.38 10.92
N CYS B 182 15.98 -17.24 9.94
CA CYS B 182 16.15 -16.87 8.54
C CYS B 182 14.75 -16.67 7.95
N PHE B 183 14.49 -15.44 7.51
CA PHE B 183 13.18 -15.05 7.06
C PHE B 183 13.22 -14.94 5.55
N VAL B 184 12.36 -15.71 4.90
CA VAL B 184 12.47 -15.88 3.46
C VAL B 184 11.20 -15.30 2.90
N SER B 185 11.34 -14.41 1.94
CA SER B 185 10.15 -13.86 1.33
C SER B 185 10.42 -13.22 -0.03
N SER B 186 9.34 -13.02 -0.79
CA SER B 186 9.41 -12.43 -2.12
C SER B 186 9.10 -10.97 -2.11
N ASN B 187 8.66 -10.46 -0.98
CA ASN B 187 8.15 -9.11 -0.89
C ASN B 187 9.07 -8.14 -0.21
N ALA B 188 9.74 -7.31 -0.98
CA ALA B 188 10.71 -6.38 -0.40
C ALA B 188 10.22 -5.67 0.86
N TRP B 189 8.92 -5.37 0.96
CA TRP B 189 8.39 -4.66 2.15
C TRP B 189 8.36 -5.56 3.38
N ASP B 190 8.01 -6.84 3.16
CA ASP B 190 7.99 -7.85 4.20
C ASP B 190 9.44 -8.09 4.66
N LEU B 191 10.40 -8.07 3.73
CA LEU B 191 11.80 -8.28 4.11
C LEU B 191 12.35 -7.07 4.86
N GLY B 192 11.84 -5.89 4.49
CA GLY B 192 12.30 -4.67 5.12
C GLY B 192 11.82 -4.61 6.53
N GLY B 193 10.53 -4.90 6.69
CA GLY B 193 9.93 -5.05 8.00
C GLY B 193 10.57 -6.12 8.87
N ALA B 194 10.87 -7.28 8.31
CA ALA B 194 11.42 -8.39 9.09
C ALA B 194 12.83 -8.07 9.53
N GLY B 195 13.60 -7.51 8.61
CA GLY B 195 14.97 -7.16 8.88
C GLY B 195 15.06 -6.08 9.91
N LYS B 196 14.24 -5.04 9.76
CA LYS B 196 14.32 -3.95 10.72
C LYS B 196 14.07 -4.51 12.10
N PHE B 197 13.15 -5.45 12.20
CA PHE B 197 12.91 -6.16 13.40
C PHE B 197 14.14 -6.94 13.86
N GLY B 198 14.83 -7.64 12.97
CA GLY B 198 15.98 -8.39 13.44
C GLY B 198 16.28 -9.73 12.82
N PHE B 199 15.36 -10.22 12.01
CA PHE B 199 15.56 -11.50 11.34
C PHE B 199 16.64 -11.38 10.30
N ASN B 200 17.31 -12.49 10.03
CA ASN B 200 18.16 -12.60 8.86
C ASN B 200 17.22 -12.77 7.70
N THR B 201 17.36 -11.86 6.73
CA THR B 201 16.42 -11.83 5.64
C THR B 201 17.12 -12.32 4.37
N VAL B 202 16.42 -13.18 3.66
CA VAL B 202 16.78 -13.70 2.37
C VAL B 202 15.59 -13.44 1.42
N ARG B 203 15.85 -12.77 0.29
CA ARG B 203 14.80 -12.46 -0.68
C ARG B 203 14.78 -13.40 -1.87
N ILE B 204 13.61 -13.96 -2.16
CA ILE B 204 13.39 -14.77 -3.35
C ILE B 204 12.94 -13.79 -4.39
N ASN B 205 13.82 -13.50 -5.35
CA ASN B 205 13.59 -12.52 -6.37
C ASN B 205 13.62 -13.20 -7.69
N ARG B 206 12.46 -13.72 -8.10
CA ARG B 206 12.38 -14.49 -9.33
C ARG B 206 12.63 -13.70 -10.59
N GLN B 207 12.15 -12.48 -10.72
CA GLN B 207 12.23 -11.86 -12.04
C GLN B 207 13.31 -10.83 -12.13
N GLY B 208 13.96 -10.60 -11.01
CA GLY B 208 15.05 -9.65 -10.94
C GLY B 208 14.62 -8.21 -10.75
N ASN B 209 13.58 -7.94 -9.97
CA ASN B 209 13.11 -6.56 -9.90
C ASN B 209 14.10 -5.75 -9.13
N PRO B 210 14.08 -4.43 -9.31
CA PRO B 210 15.09 -3.57 -8.67
C PRO B 210 14.89 -3.59 -7.13
N PRO B 211 15.95 -3.25 -6.36
CA PRO B 211 15.92 -3.27 -4.88
C PRO B 211 15.12 -2.12 -4.31
N GLU B 212 14.55 -2.35 -3.13
CA GLU B 212 13.81 -1.39 -2.33
C GLU B 212 14.13 -1.68 -0.86
N TYR B 213 13.81 -0.74 0.02
CA TYR B 213 14.03 -0.86 1.47
C TYR B 213 15.50 -1.05 1.82
N GLU B 214 16.34 -0.14 1.32
CA GLU B 214 17.78 -0.31 1.49
C GLU B 214 18.23 -0.17 2.95
N PHE B 215 17.39 0.43 3.79
CA PHE B 215 17.78 0.68 5.18
C PHE B 215 17.77 -0.59 6.01
N ALA B 216 17.10 -1.63 5.49
CA ALA B 216 17.09 -2.96 6.11
C ALA B 216 17.72 -3.94 5.13
N PRO B 217 19.06 -3.85 4.97
CA PRO B 217 19.74 -4.59 3.94
C PRO B 217 19.49 -6.10 4.02
N LEU B 218 19.44 -6.73 2.85
CA LEU B 218 19.27 -8.17 2.76
C LEU B 218 20.54 -8.89 3.21
N LYS B 219 20.40 -10.08 3.77
CA LYS B 219 21.56 -10.93 3.96
C LYS B 219 21.90 -11.60 2.64
N HIS B 220 20.91 -11.96 1.84
CA HIS B 220 21.19 -12.53 0.56
C HIS B 220 19.95 -12.39 -0.27
N GLN B 221 20.13 -12.34 -1.58
CA GLN B 221 19.05 -12.50 -2.54
C GLN B 221 19.36 -13.73 -3.38
N VAL B 222 18.34 -14.49 -3.76
CA VAL B 222 18.46 -15.63 -4.66
C VAL B 222 17.26 -15.57 -5.57
N ASN B 223 17.21 -16.43 -6.59
CA ASN B 223 16.15 -16.28 -7.57
C ASN B 223 15.19 -17.48 -7.64
N SER B 224 15.20 -18.29 -6.60
CA SER B 224 14.53 -19.56 -6.59
C SER B 224 14.56 -20.16 -5.19
N LEU B 225 13.46 -20.83 -4.81
CA LEU B 225 13.45 -21.55 -3.54
C LEU B 225 14.59 -22.58 -3.46
N SER B 226 14.87 -23.23 -4.57
CA SER B 226 15.88 -24.24 -4.58
C SER B 226 17.27 -23.69 -4.19
N GLU B 227 17.54 -22.41 -4.46
CA GLU B 227 18.83 -21.83 -4.14
C GLU B 227 18.95 -21.61 -2.65
N LEU B 228 17.84 -21.67 -1.95
CA LEU B 228 17.96 -21.56 -0.54
C LEU B 228 18.79 -22.73 -0.02
N TRP B 229 18.80 -23.86 -0.73
CA TRP B 229 19.37 -25.07 -0.12
C TRP B 229 20.89 -24.96 0.11
N PRO B 230 21.66 -24.52 -0.93
CA PRO B 230 23.07 -24.24 -0.71
C PRO B 230 23.22 -23.21 0.37
N LEU B 231 22.27 -22.28 0.42
CA LEU B 231 22.43 -21.18 1.35
C LEU B 231 22.37 -21.62 2.78
N LEU B 232 21.62 -22.67 3.07
CA LEU B 232 21.32 -23.03 4.43
C LEU B 232 21.72 -24.45 4.79
N ALA B 233 22.19 -25.26 3.86
CA ALA B 233 22.43 -26.64 4.26
C ALA B 233 23.54 -26.73 5.36
N LYS B 234 23.36 -27.63 6.31
CA LYS B 234 24.23 -27.67 7.48
C LYS B 234 25.26 -28.79 7.37
N ASN B 235 26.46 -28.58 7.94
CA ASN B 235 27.43 -29.69 8.19
C ASN B 235 26.84 -30.99 8.85
#